data_4LXY
#
_entry.id   4LXY
#
_cell.length_a   96.337
_cell.length_b   65.858
_cell.length_c   134.600
_cell.angle_alpha   90.00
_cell.angle_beta   109.88
_cell.angle_gamma   90.00
#
_symmetry.space_group_name_H-M   'C 1 2 1'
#
loop_
_entity.id
_entity.type
_entity.pdbx_description
1 polymer 'WlaRD, a sugar 3N-formyl transferase'
2 non-polymer 'N-{4-[{[(6S)-2-amino-4-oxo-3,4,5,6,7,8-hexahydropteridin-6-yl]methyl}(formyl)amino]benzoyl}-L-glutamic acid'
3 non-polymer "THYMIDINE-5'-DIPHOSPHATE"
4 non-polymer '3[N-MORPHOLINO]PROPANE SULFONIC ACID'
5 water water
#
_entity_poly.entity_id   1
_entity_poly.type   'polypeptide(L)'
_entity_poly.pdbx_seq_one_letter_code
;GHMIKICIAGKNNIAVNSLQFILKNYFEADQIVVIPNKNDKGIDSWQKSLLKFALDNNIKIVTLDEIYNIEQIIFFSLEF
DQIIKIENFKSDRLFNIHFSALPKYKGVFTSITPILNNELESGVTLHRIDNGIDTGNIIDQHCFPIDINDTARDLYFNYL
KYGESIFKKNIQTIINNSYKDLKQTNINSSYFSRKDINLVHKINFKKTSFEIHNQIRAFIFQEYQLPIINNSKIIKSILA
NEFIGYNVFEEFENYFIISGIDGFKIIAQKLNKL
;
_entity_poly.pdbx_strand_id   A,B
#
# COMPACT_ATOMS: atom_id res chain seq x y z
N HIS A 2 -26.46 -36.72 13.70
CA HIS A 2 -25.55 -37.57 12.88
C HIS A 2 -24.30 -37.81 13.76
N MET A 3 -23.69 -38.98 13.57
CA MET A 3 -22.47 -39.38 14.26
C MET A 3 -21.36 -38.35 14.00
N ILE A 4 -21.14 -38.05 12.72
CA ILE A 4 -20.13 -37.04 12.30
C ILE A 4 -20.42 -35.59 12.72
N LYS A 5 -19.56 -35.03 13.57
CA LYS A 5 -19.73 -33.70 14.11
C LYS A 5 -18.94 -32.60 13.36
N ILE A 6 -17.85 -33.00 12.68
CA ILE A 6 -16.85 -32.04 12.23
C ILE A 6 -16.06 -32.57 11.04
N CYS A 7 -15.83 -31.70 10.07
CA CYS A 7 -14.97 -31.96 8.92
C CYS A 7 -13.83 -30.94 9.04
N ILE A 8 -12.60 -31.45 9.07
CA ILE A 8 -11.41 -30.63 8.78
C ILE A 8 -10.92 -30.76 7.33
N ALA A 9 -10.77 -29.61 6.66
CA ALA A 9 -10.55 -29.59 5.23
C ALA A 9 -9.34 -28.68 4.98
N GLY A 10 -8.36 -29.18 4.27
CA GLY A 10 -7.15 -28.36 4.05
C GLY A 10 -5.85 -29.10 4.26
N LYS A 11 -4.87 -28.40 4.84
CA LYS A 11 -3.49 -28.90 4.66
C LYS A 11 -2.59 -28.31 5.70
N ASN A 12 -1.42 -28.94 5.81
CA ASN A 12 -0.28 -28.37 6.47
C ASN A 12 -0.41 -28.43 7.96
N ASN A 13 0.57 -27.92 8.69
CA ASN A 13 0.57 -28.13 10.12
C ASN A 13 -0.59 -27.51 10.86
N ILE A 14 -1.13 -26.41 10.34
CA ILE A 14 -2.32 -25.87 10.95
C ILE A 14 -3.48 -26.88 10.99
N ALA A 15 -3.72 -27.55 9.89
CA ALA A 15 -4.82 -28.51 9.71
C ALA A 15 -4.49 -29.74 10.58
N VAL A 16 -3.25 -30.22 10.48
CA VAL A 16 -2.90 -31.42 11.22
C VAL A 16 -2.98 -31.20 12.72
N ASN A 17 -2.36 -30.12 13.21
CA ASN A 17 -2.28 -29.87 14.64
C ASN A 17 -3.68 -29.56 15.19
N SER A 18 -4.51 -28.89 14.40
CA SER A 18 -5.84 -28.49 14.83
C SER A 18 -6.71 -29.74 14.95
N LEU A 19 -6.65 -30.60 13.95
CA LEU A 19 -7.24 -31.91 14.07
C LEU A 19 -6.76 -32.67 15.30
N GLN A 20 -5.46 -32.66 15.56
CA GLN A 20 -4.98 -33.41 16.70
C GLN A 20 -5.59 -32.88 17.99
N PHE A 21 -5.74 -31.56 18.07
CA PHE A 21 -6.31 -30.89 19.23
C PHE A 21 -7.74 -31.37 19.39
N ILE A 22 -8.55 -31.45 18.32
CA ILE A 22 -9.94 -31.88 18.50
C ILE A 22 -10.02 -33.35 18.96
N LEU A 23 -9.28 -34.22 18.28
CA LEU A 23 -9.10 -35.63 18.66
C LEU A 23 -8.77 -35.85 20.14
N LYS A 24 -7.91 -35.01 20.69
CA LYS A 24 -7.45 -35.09 22.06
C LYS A 24 -8.38 -34.47 23.10
N ASN A 25 -9.24 -33.54 22.71
CA ASN A 25 -10.03 -32.79 23.68
C ASN A 25 -11.54 -32.87 23.50
N TYR A 26 -12.00 -33.12 22.28
CA TYR A 26 -13.38 -32.81 21.91
C TYR A 26 -14.09 -34.00 21.30
N PHE A 27 -13.53 -34.58 20.24
CA PHE A 27 -14.24 -35.57 19.44
C PHE A 27 -13.38 -36.82 19.21
N GLU A 28 -14.06 -37.96 19.03
CA GLU A 28 -13.43 -39.25 18.75
C GLU A 28 -13.26 -39.38 17.23
N ALA A 29 -12.34 -40.22 16.75
CA ALA A 29 -12.17 -40.39 15.31
C ALA A 29 -13.44 -40.57 14.52
N ASP A 30 -14.36 -41.32 15.13
CA ASP A 30 -15.64 -41.68 14.51
C ASP A 30 -16.56 -40.49 14.27
N GLN A 31 -16.25 -39.39 14.97
CA GLN A 31 -17.07 -38.17 14.99
C GLN A 31 -16.46 -37.15 14.00
N ILE A 32 -15.36 -37.54 13.34
CA ILE A 32 -14.58 -36.62 12.49
C ILE A 32 -14.42 -37.15 11.10
N VAL A 33 -14.49 -36.25 10.11
CA VAL A 33 -14.07 -36.54 8.75
C VAL A 33 -13.10 -35.52 8.11
N VAL A 34 -12.38 -35.93 7.07
CA VAL A 34 -11.30 -35.07 6.57
C VAL A 34 -11.31 -34.96 5.08
N ILE A 35 -11.14 -33.73 4.59
CA ILE A 35 -10.91 -33.46 3.17
C ILE A 35 -9.51 -32.83 2.92
N PRO A 36 -8.54 -33.65 2.51
CA PRO A 36 -7.22 -33.06 2.21
C PRO A 36 -7.25 -32.26 0.92
N ASN A 37 -6.29 -31.36 0.71
CA ASN A 37 -6.15 -30.75 -0.60
C ASN A 37 -5.78 -31.76 -1.68
N LYS A 38 -6.04 -31.41 -2.94
CA LYS A 38 -5.74 -32.27 -4.08
C LYS A 38 -4.26 -32.63 -4.19
N ASN A 39 -3.37 -31.76 -3.75
CA ASN A 39 -1.97 -32.05 -3.95
C ASN A 39 -1.32 -32.78 -2.76
N ASP A 40 -2.12 -33.28 -1.83
CA ASP A 40 -1.59 -33.89 -0.59
C ASP A 40 -1.06 -35.25 -1.04
N LYS A 41 0.25 -35.36 -0.93
CA LYS A 41 0.97 -36.61 -1.24
C LYS A 41 0.75 -37.78 -0.28
N GLY A 42 0.33 -37.51 0.96
CA GLY A 42 0.18 -38.57 1.94
C GLY A 42 1.49 -39.03 2.55
N ILE A 43 2.50 -38.16 2.47
CA ILE A 43 3.78 -38.24 3.20
C ILE A 43 4.04 -36.88 3.79
N ASP A 44 4.76 -36.85 4.90
CA ASP A 44 5.28 -35.61 5.46
C ASP A 44 6.46 -35.04 4.63
N SER A 45 6.57 -33.72 4.63
CA SER A 45 7.66 -32.99 3.99
CA SER A 45 7.65 -32.98 3.96
C SER A 45 8.01 -31.81 4.87
N TRP A 46 8.13 -30.58 4.32
CA TRP A 46 8.43 -29.44 5.19
C TRP A 46 7.22 -29.03 6.00
N GLN A 47 6.10 -29.60 5.59
CA GLN A 47 4.92 -29.68 6.46
C GLN A 47 4.39 -31.13 6.51
N LYS A 48 3.67 -31.39 7.59
CA LYS A 48 2.96 -32.67 7.79
C LYS A 48 1.78 -32.84 6.84
N SER A 49 1.52 -34.08 6.45
CA SER A 49 0.42 -34.42 5.62
C SER A 49 -0.90 -34.65 6.36
N LEU A 50 -1.93 -33.88 6.03
CA LEU A 50 -3.24 -34.15 6.63
C LEU A 50 -3.85 -35.50 6.29
N LEU A 51 -3.71 -35.89 5.06
CA LEU A 51 -4.12 -37.21 4.58
C LEU A 51 -3.49 -38.32 5.41
N LYS A 52 -2.18 -38.20 5.64
CA LYS A 52 -1.48 -39.25 6.36
C LYS A 52 -1.92 -39.28 7.80
N PHE A 53 -2.03 -38.10 8.37
CA PHE A 53 -2.45 -38.05 9.76
C PHE A 53 -3.82 -38.71 9.92
N ALA A 54 -4.75 -38.34 9.06
CA ALA A 54 -6.09 -38.94 9.11
C ALA A 54 -6.07 -40.47 8.99
N LEU A 55 -5.46 -40.93 7.92
CA LEU A 55 -5.28 -42.36 7.73
C LEU A 55 -4.63 -43.02 8.93
N ASP A 56 -3.52 -42.50 9.43
CA ASP A 56 -2.83 -43.08 10.58
C ASP A 56 -3.78 -43.24 11.73
N ASN A 57 -4.80 -42.36 11.76
CA ASN A 57 -5.66 -42.31 12.93
C ASN A 57 -7.11 -42.80 12.65
N ASN A 58 -7.29 -43.56 11.58
CA ASN A 58 -8.57 -44.09 11.14
C ASN A 58 -9.66 -43.02 11.21
N ILE A 59 -9.30 -41.84 10.71
CA ILE A 59 -10.32 -40.83 10.36
C ILE A 59 -10.64 -40.91 8.87
N LYS A 60 -11.94 -40.93 8.55
CA LYS A 60 -12.32 -41.12 7.17
C LYS A 60 -12.03 -39.90 6.28
N ILE A 61 -11.50 -40.20 5.10
CA ILE A 61 -11.28 -39.26 4.02
C ILE A 61 -12.57 -39.18 3.22
N VAL A 62 -13.11 -37.98 3.09
CA VAL A 62 -14.34 -37.78 2.32
C VAL A 62 -14.14 -36.68 1.27
N THR A 63 -15.15 -36.54 0.41
CA THR A 63 -15.30 -35.42 -0.51
C THR A 63 -16.37 -34.46 0.00
N LEU A 64 -16.40 -33.29 -0.63
CA LEU A 64 -17.38 -32.28 -0.23
C LEU A 64 -18.80 -32.84 -0.44
N ASP A 65 -18.99 -33.54 -1.54
CA ASP A 65 -20.29 -34.11 -1.89
C ASP A 65 -20.83 -34.95 -0.75
N GLU A 66 -19.91 -35.61 -0.04
CA GLU A 66 -20.30 -36.59 0.95
C GLU A 66 -20.68 -35.95 2.25
N ILE A 67 -20.43 -34.65 2.44
CA ILE A 67 -20.75 -34.00 3.71
C ILE A 67 -21.92 -33.00 3.66
N TYR A 68 -22.32 -32.63 2.46
CA TYR A 68 -23.34 -31.59 2.25
C TYR A 68 -24.60 -31.88 3.07
N ASN A 69 -24.94 -33.16 3.18
CA ASN A 69 -26.22 -33.50 3.76
C ASN A 69 -26.11 -33.87 5.22
N ILE A 70 -24.95 -33.65 5.83
CA ILE A 70 -24.81 -33.95 7.25
C ILE A 70 -25.30 -32.77 8.06
N GLU A 71 -26.46 -32.95 8.70
CA GLU A 71 -27.03 -31.85 9.47
C GLU A 71 -26.10 -31.48 10.60
N GLN A 72 -25.98 -30.18 10.82
CA GLN A 72 -25.29 -29.57 11.93
C GLN A 72 -23.75 -29.79 11.98
N ILE A 73 -23.22 -30.29 10.89
CA ILE A 73 -21.76 -30.54 10.75
C ILE A 73 -21.00 -29.22 10.87
N ILE A 74 -19.90 -29.24 11.61
CA ILE A 74 -18.95 -28.13 11.61
C ILE A 74 -17.99 -28.35 10.46
N PHE A 75 -17.96 -27.40 9.52
CA PHE A 75 -17.05 -27.47 8.38
C PHE A 75 -15.95 -26.47 8.66
N PHE A 76 -14.68 -26.90 8.68
CA PHE A 76 -13.62 -26.01 9.12
C PHE A 76 -12.53 -26.07 8.06
N SER A 77 -12.34 -24.99 7.29
CA SER A 77 -11.35 -24.85 6.23
C SER A 77 -10.05 -24.32 6.83
N LEU A 78 -8.95 -25.04 6.61
CA LEU A 78 -7.67 -24.63 7.18
C LEU A 78 -6.69 -24.83 6.07
N GLU A 79 -6.50 -23.75 5.29
CA GLU A 79 -5.82 -23.77 4.02
C GLU A 79 -6.40 -24.64 2.93
N PHE A 80 -7.74 -24.77 2.92
CA PHE A 80 -8.39 -25.59 1.91
C PHE A 80 -8.26 -24.99 0.52
N ASP A 81 -8.28 -25.80 -0.50
CA ASP A 81 -8.03 -25.39 -1.87
C ASP A 81 -9.29 -25.31 -2.72
N GLN A 82 -10.49 -25.32 -2.11
CA GLN A 82 -11.70 -25.25 -2.92
C GLN A 82 -12.61 -24.15 -2.40
N ILE A 83 -13.21 -23.43 -3.34
CA ILE A 83 -14.22 -22.44 -3.00
C ILE A 83 -15.57 -23.14 -2.76
N ILE A 84 -16.16 -22.88 -1.61
CA ILE A 84 -17.42 -23.58 -1.45
C ILE A 84 -18.62 -22.68 -1.81
N LYS A 85 -19.80 -23.31 -1.88
CA LYS A 85 -21.08 -22.67 -2.24
C LYS A 85 -22.01 -23.06 -1.12
N ILE A 86 -22.37 -22.10 -0.26
CA ILE A 86 -22.95 -22.42 1.02
C ILE A 86 -24.33 -23.11 0.89
N GLU A 87 -25.00 -22.89 -0.23
CA GLU A 87 -26.33 -23.48 -0.46
C GLU A 87 -26.22 -24.96 -0.73
N ASN A 88 -25.01 -25.48 -1.02
CA ASN A 88 -24.86 -26.95 -1.06
C ASN A 88 -25.11 -27.69 0.23
N PHE A 89 -24.82 -27.01 1.33
CA PHE A 89 -24.79 -27.54 2.69
C PHE A 89 -26.11 -27.34 3.43
N LYS A 90 -26.56 -28.37 4.14
CA LYS A 90 -27.64 -28.26 5.12
C LYS A 90 -27.17 -27.43 6.28
N SER A 91 -25.91 -27.60 6.68
CA SER A 91 -25.35 -26.89 7.84
C SER A 91 -24.97 -25.49 7.37
N ASP A 92 -25.09 -24.55 8.28
CA ASP A 92 -24.62 -23.19 8.10
C ASP A 92 -23.43 -22.95 9.06
N ARG A 93 -22.80 -24.04 9.54
CA ARG A 93 -21.69 -23.88 10.48
C ARG A 93 -20.36 -24.09 9.72
N LEU A 94 -20.04 -23.09 8.90
CA LEU A 94 -18.95 -23.19 7.90
C LEU A 94 -17.94 -22.09 8.20
N PHE A 95 -16.68 -22.52 8.42
CA PHE A 95 -15.66 -21.62 8.91
C PHE A 95 -14.31 -21.81 8.18
N ASN A 96 -13.59 -20.70 8.23
CA ASN A 96 -12.28 -20.60 7.62
C ASN A 96 -11.36 -19.79 8.49
N ILE A 97 -10.06 -20.13 8.42
CA ILE A 97 -9.03 -19.27 8.99
C ILE A 97 -8.19 -18.84 7.79
N HIS A 98 -8.23 -17.54 7.58
CA HIS A 98 -7.53 -16.89 6.48
C HIS A 98 -6.26 -16.23 7.04
N PHE A 99 -5.20 -16.38 6.26
CA PHE A 99 -3.89 -15.87 6.64
C PHE A 99 -3.69 -14.41 6.22
N SER A 100 -4.56 -13.56 6.72
CA SER A 100 -4.30 -12.13 6.71
C SER A 100 -5.07 -11.42 7.78
N ALA A 101 -4.77 -10.14 7.94
CA ALA A 101 -5.57 -9.27 8.77
C ALA A 101 -6.75 -8.70 7.98
N LEU A 102 -7.80 -9.50 7.82
CA LEU A 102 -8.97 -9.03 7.10
C LEU A 102 -9.51 -7.75 7.71
N PRO A 103 -10.05 -6.83 6.87
CA PRO A 103 -10.40 -7.13 5.52
C PRO A 103 -9.30 -6.95 4.47
N LYS A 104 -8.06 -6.64 4.84
CA LYS A 104 -6.99 -6.57 3.83
C LYS A 104 -6.51 -7.94 3.39
N TYR A 105 -6.11 -8.09 2.13
CA TYR A 105 -5.37 -9.23 1.58
C TYR A 105 -6.23 -10.48 1.66
N LYS A 106 -7.49 -10.35 1.22
CA LYS A 106 -8.24 -11.48 0.73
C LYS A 106 -7.49 -12.16 -0.40
N GLY A 107 -7.73 -13.45 -0.65
CA GLY A 107 -7.30 -14.17 -1.83
C GLY A 107 -5.96 -14.80 -1.47
N VAL A 108 -5.08 -14.87 -2.45
CA VAL A 108 -3.98 -15.83 -2.47
C VAL A 108 -2.65 -15.18 -2.10
N PHE A 109 -1.69 -16.07 -1.91
CA PHE A 109 -0.30 -15.70 -1.68
C PHE A 109 -0.07 -14.63 -0.64
N THR A 110 -0.68 -14.82 0.52
CA THR A 110 -0.73 -13.80 1.56
C THR A 110 0.56 -13.67 2.38
N SER A 111 1.49 -14.62 2.22
CA SER A 111 2.85 -14.43 2.69
CA SER A 111 2.85 -14.40 2.70
C SER A 111 3.63 -13.45 1.80
N ILE A 112 3.16 -13.21 0.58
CA ILE A 112 3.82 -12.33 -0.38
C ILE A 112 3.19 -10.94 -0.35
N THR A 113 1.88 -10.89 -0.61
CA THR A 113 1.20 -9.64 -0.79
C THR A 113 1.40 -8.56 0.29
N PRO A 114 1.33 -8.87 1.61
CA PRO A 114 1.49 -7.80 2.57
C PRO A 114 2.93 -7.22 2.55
N ILE A 115 3.92 -8.09 2.35
CA ILE A 115 5.28 -7.54 2.27
C ILE A 115 5.48 -6.68 1.03
N LEU A 116 5.01 -7.18 -0.09
CA LEU A 116 5.19 -6.52 -1.38
C LEU A 116 4.50 -5.15 -1.35
N ASN A 117 3.43 -5.05 -0.56
CA ASN A 117 2.72 -3.81 -0.39
C ASN A 117 3.14 -3.09 0.87
N ASN A 118 4.38 -3.30 1.34
CA ASN A 118 4.96 -2.42 2.39
C ASN A 118 4.36 -2.38 3.78
N GLU A 119 3.65 -3.45 4.14
CA GLU A 119 3.03 -3.53 5.46
C GLU A 119 4.06 -3.84 6.55
N LEU A 120 3.78 -3.37 7.76
CA LEU A 120 4.59 -3.61 8.94
C LEU A 120 4.01 -4.71 9.80
N GLU A 121 2.80 -5.15 9.49
CA GLU A 121 2.10 -6.16 10.26
C GLU A 121 1.13 -6.94 9.38
N SER A 122 0.85 -8.14 9.83
CA SER A 122 -0.21 -8.93 9.23
C SER A 122 -1.06 -9.53 10.35
N GLY A 123 -1.78 -10.61 10.05
CA GLY A 123 -2.67 -11.23 11.04
C GLY A 123 -3.22 -12.54 10.56
N VAL A 124 -3.88 -13.29 11.45
CA VAL A 124 -4.75 -14.37 11.00
C VAL A 124 -6.18 -14.03 11.45
N THR A 125 -7.15 -14.47 10.67
CA THR A 125 -8.57 -14.11 10.85
C THR A 125 -9.46 -15.35 10.71
N LEU A 126 -10.15 -15.64 11.80
CA LEU A 126 -11.21 -16.68 11.82
C LEU A 126 -12.51 -16.01 11.40
N HIS A 127 -13.17 -16.52 10.35
CA HIS A 127 -14.45 -16.01 9.83
C HIS A 127 -15.42 -17.09 9.34
N ARG A 128 -16.69 -16.72 9.24
CA ARG A 128 -17.68 -17.55 8.65
C ARG A 128 -17.41 -17.47 7.16
N ILE A 129 -17.56 -18.63 6.54
CA ILE A 129 -17.60 -18.75 5.12
C ILE A 129 -18.95 -18.26 4.58
N ASP A 130 -18.87 -17.24 3.72
CA ASP A 130 -19.96 -17.01 2.76
C ASP A 130 -19.55 -17.29 1.33
N ASN A 131 -20.41 -16.96 0.37
CA ASN A 131 -20.10 -17.30 -0.99
C ASN A 131 -19.00 -16.49 -1.64
N GLY A 132 -18.61 -15.42 -1.01
CA GLY A 132 -17.46 -14.65 -1.48
C GLY A 132 -16.13 -15.24 -1.00
N ILE A 133 -15.05 -14.78 -1.62
CA ILE A 133 -13.72 -15.30 -1.22
C ILE A 133 -13.23 -14.47 -0.05
N ASP A 134 -13.17 -15.04 1.15
CA ASP A 134 -12.64 -14.43 2.38
C ASP A 134 -13.34 -13.17 2.84
N THR A 135 -14.65 -13.22 2.55
CA THR A 135 -15.57 -12.10 2.74
C THR A 135 -16.46 -12.17 3.96
N GLY A 136 -16.62 -13.35 4.55
CA GLY A 136 -17.59 -13.53 5.61
C GLY A 136 -17.22 -12.90 6.93
N ASN A 137 -18.20 -12.90 7.81
CA ASN A 137 -18.09 -12.17 9.07
C ASN A 137 -16.97 -12.65 9.96
N ILE A 138 -16.22 -11.73 10.52
CA ILE A 138 -15.06 -12.01 11.35
C ILE A 138 -15.48 -12.40 12.75
N ILE A 139 -14.96 -13.55 13.20
CA ILE A 139 -15.20 -14.06 14.54
C ILE A 139 -14.06 -13.68 15.47
N ASP A 140 -12.81 -13.79 15.02
CA ASP A 140 -11.66 -13.38 15.82
C ASP A 140 -10.51 -13.08 14.89
N GLN A 141 -9.54 -12.28 15.36
CA GLN A 141 -8.34 -11.93 14.61
C GLN A 141 -7.19 -11.72 15.58
N HIS A 142 -6.00 -12.16 15.16
CA HIS A 142 -4.78 -11.87 15.89
C HIS A 142 -3.77 -11.24 14.92
N CYS A 143 -3.38 -10.02 15.25
CA CYS A 143 -2.41 -9.33 14.42
C CYS A 143 -1.02 -9.52 15.03
N PHE A 144 0.00 -9.42 14.20
CA PHE A 144 1.36 -9.59 14.64
C PHE A 144 2.30 -8.88 13.67
N PRO A 145 3.51 -8.55 14.13
CA PRO A 145 4.43 -7.81 13.27
C PRO A 145 5.04 -8.61 12.13
N ILE A 146 5.27 -7.89 11.03
CA ILE A 146 6.19 -8.32 10.02
C ILE A 146 7.53 -7.65 10.32
N ASP A 147 8.52 -8.42 10.77
CA ASP A 147 9.74 -7.76 11.22
C ASP A 147 10.41 -7.29 9.94
N ILE A 148 11.26 -6.29 10.11
CA ILE A 148 11.86 -5.61 8.97
C ILE A 148 12.58 -6.55 8.01
N ASN A 149 13.19 -7.62 8.51
CA ASN A 149 13.92 -8.50 7.63
C ASN A 149 13.25 -9.85 7.48
N ASP A 150 12.02 -9.94 7.95
CA ASP A 150 11.22 -11.16 7.70
C ASP A 150 11.08 -11.44 6.21
N THR A 151 11.15 -12.70 5.82
CA THR A 151 10.88 -13.11 4.43
C THR A 151 9.41 -13.65 4.33
N ALA A 152 8.95 -13.90 3.13
CA ALA A 152 7.66 -14.60 2.91
C ALA A 152 7.55 -15.88 3.73
N ARG A 153 8.61 -16.68 3.72
CA ARG A 153 8.66 -17.90 4.51
C ARG A 153 8.48 -17.69 5.98
N ASP A 154 9.23 -16.77 6.58
CA ASP A 154 9.08 -16.38 7.95
C ASP A 154 7.63 -16.01 8.25
N LEU A 155 7.07 -15.13 7.43
CA LEU A 155 5.65 -14.75 7.61
C LEU A 155 4.69 -15.96 7.61
N TYR A 156 4.87 -16.84 6.64
CA TYR A 156 4.07 -18.03 6.48
C TYR A 156 4.15 -18.89 7.75
N PHE A 157 5.34 -19.07 8.34
CA PHE A 157 5.47 -19.85 9.57
C PHE A 157 4.81 -19.15 10.75
N ASN A 158 4.75 -17.81 10.71
CA ASN A 158 3.97 -17.14 11.72
C ASN A 158 2.48 -17.37 11.52
N TYR A 159 2.02 -17.35 10.27
CA TYR A 159 0.62 -17.69 9.96
C TYR A 159 0.26 -19.07 10.55
N LEU A 160 1.10 -20.06 10.30
CA LEU A 160 0.80 -21.41 10.74
C LEU A 160 0.64 -21.42 12.25
N LYS A 161 1.57 -20.75 12.90
CA LYS A 161 1.62 -20.77 14.36
C LYS A 161 0.44 -20.00 14.97
N TYR A 162 0.21 -18.78 14.51
CA TYR A 162 -0.83 -17.96 15.07
C TYR A 162 -2.21 -18.48 14.67
N GLY A 163 -2.27 -19.10 13.50
CA GLY A 163 -3.51 -19.70 13.02
C GLY A 163 -3.90 -20.93 13.83
N GLU A 164 -2.94 -21.79 14.12
CA GLU A 164 -3.17 -22.90 15.03
C GLU A 164 -3.72 -22.37 16.36
N SER A 165 -3.10 -21.33 16.87
CA SER A 165 -3.50 -20.79 18.17
CA SER A 165 -3.48 -20.76 18.15
C SER A 165 -4.89 -20.20 18.18
N ILE A 166 -5.28 -19.51 17.10
CA ILE A 166 -6.60 -18.90 17.12
C ILE A 166 -7.66 -19.96 16.90
N PHE A 167 -7.35 -21.04 16.18
CA PHE A 167 -8.24 -22.22 16.10
C PHE A 167 -8.57 -22.71 17.52
N LYS A 168 -7.55 -22.90 18.36
CA LYS A 168 -7.70 -23.50 19.70
C LYS A 168 -8.45 -22.55 20.62
N LYS A 169 -8.19 -21.26 20.46
CA LYS A 169 -8.81 -20.23 21.28
C LYS A 169 -10.31 -20.26 21.09
N ASN A 170 -10.76 -20.56 19.88
CA ASN A 170 -12.13 -20.31 19.47
C ASN A 170 -12.97 -21.55 19.28
N ILE A 171 -12.37 -22.73 19.26
CA ILE A 171 -13.08 -23.91 18.81
C ILE A 171 -14.22 -24.33 19.76
N GLN A 172 -14.10 -24.10 21.06
CA GLN A 172 -15.20 -24.51 21.97
C GLN A 172 -16.46 -23.69 21.65
N THR A 173 -16.29 -22.37 21.45
CA THR A 173 -17.45 -21.54 21.13
C THR A 173 -18.08 -21.86 19.78
N ILE A 174 -17.26 -22.36 18.85
CA ILE A 174 -17.76 -22.80 17.57
C ILE A 174 -18.59 -24.07 17.75
N ILE A 175 -18.03 -25.04 18.46
CA ILE A 175 -18.73 -26.26 18.78
C ILE A 175 -20.04 -25.98 19.53
N ASN A 176 -20.03 -25.03 20.46
CA ASN A 176 -21.23 -24.69 21.23
C ASN A 176 -22.16 -23.67 20.54
N ASN A 177 -21.74 -23.23 19.36
CA ASN A 177 -22.42 -22.19 18.60
C ASN A 177 -22.80 -20.93 19.39
N SER A 178 -21.86 -20.42 20.17
CA SER A 178 -22.01 -19.29 21.06
C SER A 178 -21.00 -18.19 20.71
N TYR A 179 -20.43 -18.29 19.51
CA TYR A 179 -19.47 -17.29 19.05
C TYR A 179 -20.21 -16.06 18.55
N LYS A 180 -19.47 -14.95 18.51
CA LYS A 180 -20.00 -13.68 18.01
C LYS A 180 -19.15 -13.26 16.83
N ASP A 181 -19.80 -12.59 15.88
CA ASP A 181 -19.05 -12.03 14.77
C ASP A 181 -19.49 -10.62 14.34
N LEU A 182 -18.76 -10.06 13.38
CA LEU A 182 -19.05 -8.73 12.86
CA LEU A 182 -19.05 -8.73 12.85
C LEU A 182 -18.82 -8.77 11.35
N LYS A 183 -19.76 -8.26 10.57
CA LYS A 183 -19.49 -8.11 9.16
C LYS A 183 -18.20 -7.31 8.85
N GLN A 184 -17.52 -7.65 7.76
CA GLN A 184 -16.33 -6.91 7.36
C GLN A 184 -16.72 -5.57 6.72
N THR A 185 -15.86 -4.58 6.91
CA THR A 185 -16.04 -3.25 6.32
C THR A 185 -15.75 -3.30 4.83
N ASN A 186 -16.25 -2.29 4.11
CA ASN A 186 -15.92 -2.13 2.70
C ASN A 186 -14.59 -1.39 2.63
N ILE A 187 -14.33 -0.51 3.58
CA ILE A 187 -13.11 0.27 3.49
C ILE A 187 -11.94 -0.62 3.92
N ASN A 188 -10.78 -0.32 3.37
CA ASN A 188 -9.59 -1.19 3.55
C ASN A 188 -9.62 -2.60 2.98
N SER A 189 -10.71 -3.05 2.38
CA SER A 189 -10.78 -4.40 1.77
C SER A 189 -9.94 -4.50 0.50
N SER A 190 -9.03 -5.48 0.43
CA SER A 190 -8.24 -5.67 -0.79
C SER A 190 -8.17 -7.16 -1.02
N TYR A 191 -7.87 -7.50 -2.26
CA TYR A 191 -7.84 -8.86 -2.74
C TYR A 191 -6.79 -9.06 -3.81
N PHE A 192 -6.11 -10.22 -3.78
CA PHE A 192 -5.23 -10.63 -4.87
C PHE A 192 -5.58 -12.02 -5.36
N SER A 193 -5.54 -12.17 -6.66
CA SER A 193 -5.66 -13.47 -7.30
C SER A 193 -4.33 -13.87 -7.95
N ARG A 194 -4.21 -15.14 -8.31
CA ARG A 194 -2.97 -15.69 -8.89
C ARG A 194 -2.41 -14.87 -10.03
N LYS A 195 -3.29 -14.41 -10.89
CA LYS A 195 -2.88 -13.64 -12.05
C LYS A 195 -2.21 -12.32 -11.68
N ASP A 196 -2.41 -11.84 -10.45
CA ASP A 196 -1.89 -10.56 -10.04
C ASP A 196 -0.42 -10.65 -9.60
N ILE A 197 0.09 -11.86 -9.35
CA ILE A 197 1.44 -12.00 -8.76
C ILE A 197 2.31 -12.81 -9.72
N ASN A 198 3.42 -12.22 -10.17
CA ASN A 198 4.30 -12.99 -10.98
C ASN A 198 5.38 -13.49 -10.04
N LEU A 199 5.43 -14.79 -9.87
CA LEU A 199 6.25 -15.44 -8.85
C LEU A 199 7.71 -15.42 -9.29
N VAL A 200 7.97 -15.01 -10.54
CA VAL A 200 9.35 -14.74 -11.00
C VAL A 200 9.46 -13.22 -11.04
N HIS A 201 9.74 -12.64 -9.89
CA HIS A 201 9.61 -11.21 -9.71
C HIS A 201 10.80 -10.46 -10.32
N LYS A 202 10.48 -9.42 -11.09
CA LYS A 202 11.51 -8.54 -11.65
C LYS A 202 11.60 -7.27 -10.81
N ILE A 203 12.75 -7.08 -10.16
CA ILE A 203 12.86 -6.01 -9.17
C ILE A 203 12.87 -4.67 -9.91
N ASN A 204 12.10 -3.71 -9.40
CA ASN A 204 12.08 -2.34 -9.84
C ASN A 204 13.01 -1.57 -8.89
N PHE A 205 14.20 -1.22 -9.39
CA PHE A 205 15.17 -0.50 -8.57
C PHE A 205 15.00 1.01 -8.51
N LYS A 206 14.07 1.56 -9.29
CA LYS A 206 13.74 2.99 -9.22
C LYS A 206 12.69 3.27 -8.11
N LYS A 207 13.05 2.88 -6.88
CA LYS A 207 12.19 2.81 -5.72
C LYS A 207 13.09 3.09 -4.53
N THR A 208 12.48 3.18 -3.36
CA THR A 208 13.23 3.41 -2.16
C THR A 208 13.96 2.13 -1.71
N SER A 209 14.92 2.25 -0.79
CA SER A 209 15.58 1.03 -0.32
C SER A 209 14.53 0.13 0.38
N PHE A 210 13.65 0.71 1.20
CA PHE A 210 12.57 -0.08 1.85
C PHE A 210 11.79 -0.88 0.80
N GLU A 211 11.39 -0.20 -0.27
CA GLU A 211 10.62 -0.89 -1.32
C GLU A 211 11.43 -1.97 -2.02
N ILE A 212 12.72 -1.73 -2.32
CA ILE A 212 13.51 -2.73 -3.02
C ILE A 212 13.67 -3.98 -2.16
N HIS A 213 14.00 -3.76 -0.89
CA HIS A 213 14.16 -4.77 0.11
C HIS A 213 12.85 -5.57 0.20
N ASN A 214 11.75 -4.82 0.28
CA ASN A 214 10.44 -5.51 0.42
C ASN A 214 10.17 -6.38 -0.79
N GLN A 215 10.56 -5.92 -1.96
CA GLN A 215 10.39 -6.69 -3.18
C GLN A 215 11.15 -7.99 -3.16
N ILE A 216 12.40 -7.87 -2.68
CA ILE A 216 13.21 -9.07 -2.53
C ILE A 216 12.63 -10.08 -1.56
N ARG A 217 12.43 -9.64 -0.34
CA ARG A 217 12.10 -10.58 0.72
C ARG A 217 10.66 -11.16 0.55
N ALA A 218 9.76 -10.42 -0.07
CA ALA A 218 8.43 -10.96 -0.36
C ALA A 218 8.43 -12.24 -1.21
N PHE A 219 9.50 -12.51 -1.95
CA PHE A 219 9.64 -13.70 -2.78
C PHE A 219 10.61 -14.73 -2.23
N ILE A 220 11.16 -14.48 -1.04
CA ILE A 220 12.02 -15.48 -0.39
C ILE A 220 11.16 -16.51 0.32
N PHE A 221 11.06 -17.65 -0.36
CA PHE A 221 10.36 -18.81 0.20
C PHE A 221 10.86 -20.07 -0.49
N GLN A 222 12.02 -20.52 0.01
CA GLN A 222 12.94 -21.43 -0.69
C GLN A 222 12.27 -22.72 -1.19
N GLU A 223 11.31 -23.25 -0.42
CA GLU A 223 10.53 -24.42 -0.87
C GLU A 223 9.85 -24.21 -2.21
N TYR A 224 9.61 -22.95 -2.60
CA TYR A 224 8.97 -22.63 -3.88
C TYR A 224 9.94 -21.94 -4.82
N GLN A 225 10.48 -20.83 -4.37
CA GLN A 225 11.37 -19.99 -5.18
C GLN A 225 12.19 -19.02 -4.34
N LEU A 226 13.25 -18.53 -4.97
CA LEU A 226 14.00 -17.42 -4.43
C LEU A 226 14.11 -16.35 -5.51
N PRO A 227 14.06 -15.05 -5.14
CA PRO A 227 14.23 -14.06 -6.17
C PRO A 227 15.68 -14.07 -6.67
N ILE A 228 15.85 -13.61 -7.90
CA ILE A 228 17.14 -13.71 -8.59
C ILE A 228 17.66 -12.34 -9.03
N ILE A 229 18.96 -12.09 -8.81
CA ILE A 229 19.56 -10.82 -9.20
C ILE A 229 20.80 -11.23 -9.97
N ASN A 230 20.91 -10.77 -11.21
CA ASN A 230 21.99 -11.18 -12.11
C ASN A 230 22.26 -12.69 -12.03
N ASN A 231 21.30 -13.53 -12.35
CA ASN A 231 21.58 -14.97 -12.24
C ASN A 231 22.01 -15.57 -10.88
N SER A 232 21.95 -14.84 -9.76
CA SER A 232 22.10 -15.43 -8.43
C SER A 232 20.83 -15.41 -7.57
N LYS A 233 20.48 -16.54 -6.97
CA LYS A 233 19.37 -16.60 -6.02
C LYS A 233 19.72 -15.88 -4.73
N ILE A 234 18.75 -15.12 -4.23
CA ILE A 234 18.88 -14.42 -2.96
C ILE A 234 18.19 -15.12 -1.80
N ILE A 235 18.88 -15.35 -0.69
CA ILE A 235 18.33 -16.10 0.44
C ILE A 235 17.94 -15.20 1.59
N LYS A 236 18.47 -13.97 1.67
CA LYS A 236 18.17 -13.07 2.75
C LYS A 236 18.49 -11.64 2.31
N SER A 237 17.57 -10.76 2.65
CA SER A 237 17.75 -9.31 2.48
C SER A 237 17.80 -8.66 3.85
N ILE A 238 18.79 -7.77 4.05
CA ILE A 238 18.91 -7.04 5.29
CA ILE A 238 18.99 -7.04 5.31
C ILE A 238 18.93 -5.53 5.03
N LEU A 239 17.95 -4.83 5.60
CA LEU A 239 17.82 -3.38 5.40
C LEU A 239 18.30 -2.69 6.66
N ALA A 240 19.18 -1.72 6.50
CA ALA A 240 19.70 -0.92 7.61
C ALA A 240 19.36 0.55 7.40
N ASN A 241 19.41 1.33 8.48
CA ASN A 241 19.36 2.78 8.27
C ASN A 241 20.66 3.53 8.05
N GLU A 242 21.73 2.85 7.71
CA GLU A 242 22.91 3.53 7.20
C GLU A 242 22.69 4.08 5.77
N PHE A 243 22.94 5.38 5.67
CA PHE A 243 23.02 6.03 4.38
C PHE A 243 24.33 5.73 3.65
N ILE A 244 24.23 5.27 2.42
CA ILE A 244 25.39 4.85 1.65
C ILE A 244 25.46 5.57 0.30
N GLY A 245 24.62 6.59 0.10
CA GLY A 245 24.48 7.16 -1.23
C GLY A 245 23.24 6.64 -1.96
N TYR A 246 22.76 7.41 -2.93
CA TYR A 246 21.61 7.03 -3.76
C TYR A 246 21.91 6.01 -4.87
N ASN A 247 21.01 5.04 -5.08
CA ASN A 247 21.04 4.17 -6.22
C ASN A 247 22.37 3.41 -6.40
N VAL A 248 22.83 2.87 -5.28
CA VAL A 248 24.00 1.97 -5.26
C VAL A 248 23.57 0.60 -5.71
N PHE A 249 24.44 0.02 -6.53
CA PHE A 249 24.32 -1.38 -6.92
C PHE A 249 25.72 -1.94 -7.17
N GLU A 250 26.18 -2.84 -6.31
CA GLU A 250 27.46 -3.51 -6.55
CA GLU A 250 27.48 -3.49 -6.50
C GLU A 250 27.34 -4.98 -6.16
N GLU A 251 27.82 -5.84 -7.04
CA GLU A 251 27.76 -7.28 -6.84
C GLU A 251 29.13 -7.77 -6.34
N PHE A 252 29.11 -8.51 -5.24
CA PHE A 252 30.30 -9.21 -4.66
C PHE A 252 30.07 -10.71 -4.75
N GLU A 253 31.07 -11.51 -4.38
CA GLU A 253 30.97 -12.94 -4.53
C GLU A 253 29.79 -13.49 -3.72
N ASN A 254 29.55 -12.97 -2.54
CA ASN A 254 28.62 -13.61 -1.64
C ASN A 254 27.32 -12.84 -1.46
N TYR A 255 27.25 -11.61 -1.95
CA TYR A 255 26.14 -10.69 -1.63
C TYR A 255 26.16 -9.53 -2.64
N PHE A 256 25.07 -8.76 -2.64
CA PHE A 256 25.00 -7.47 -3.34
C PHE A 256 24.83 -6.38 -2.30
N ILE A 257 25.35 -5.19 -2.59
CA ILE A 257 25.10 -4.02 -1.77
C ILE A 257 24.29 -3.14 -2.69
N ILE A 258 23.14 -2.72 -2.16
CA ILE A 258 22.11 -2.06 -2.98
C ILE A 258 21.56 -0.91 -2.16
N SER A 259 21.30 0.23 -2.77
CA SER A 259 20.41 1.21 -2.17
C SER A 259 19.48 1.81 -3.23
N GLY A 260 18.35 2.32 -2.77
CA GLY A 260 17.41 2.92 -3.71
C GLY A 260 17.50 4.44 -3.68
N ILE A 261 16.42 5.10 -4.06
CA ILE A 261 16.40 6.54 -4.26
C ILE A 261 16.69 7.33 -3.00
N ASP A 262 16.52 6.72 -1.84
CA ASP A 262 16.76 7.37 -0.59
C ASP A 262 18.06 6.95 0.14
N GLY A 263 18.77 6.00 -0.43
CA GLY A 263 20.20 5.74 -0.15
C GLY A 263 20.47 4.84 1.03
N PHE A 264 19.47 4.12 1.54
CA PHE A 264 19.66 3.22 2.68
C PHE A 264 20.20 1.87 2.28
N LYS A 265 21.14 1.40 3.08
CA LYS A 265 21.89 0.20 2.76
C LYS A 265 21.06 -1.08 2.88
N ILE A 266 21.04 -1.84 1.80
CA ILE A 266 20.55 -3.22 1.72
C ILE A 266 21.75 -4.10 1.42
N ILE A 267 21.83 -5.20 2.17
CA ILE A 267 22.65 -6.35 1.82
C ILE A 267 21.74 -7.48 1.39
N ALA A 268 21.92 -7.90 0.16
CA ALA A 268 21.20 -9.06 -0.35
C ALA A 268 22.17 -10.23 -0.47
N GLN A 269 21.97 -11.15 0.46
CA GLN A 269 22.79 -12.36 0.56
C GLN A 269 22.48 -13.41 -0.50
N LYS A 270 23.51 -13.85 -1.22
CA LYS A 270 23.40 -14.90 -2.24
C LYS A 270 23.26 -16.23 -1.49
N LEU A 271 22.35 -17.05 -1.99
CA LEU A 271 22.26 -18.44 -1.56
C LEU A 271 23.64 -19.08 -1.72
N ASN A 272 24.08 -19.77 -0.69
CA ASN A 272 25.34 -20.52 -0.71
C ASN A 272 25.49 -21.62 -1.77
N LYS A 273 24.44 -22.37 -2.05
CA LYS A 273 24.52 -23.46 -3.03
C LYS A 273 25.38 -23.13 -4.26
N GLY B 1 23.48 40.60 4.28
CA GLY B 1 24.42 41.48 3.52
C GLY B 1 23.89 41.69 2.12
N HIS B 2 23.35 40.61 1.55
CA HIS B 2 22.75 40.67 0.23
C HIS B 2 21.35 41.29 0.19
N MET B 3 21.08 41.97 -0.92
CA MET B 3 19.80 42.63 -1.17
C MET B 3 18.65 41.64 -1.31
N ILE B 4 18.90 40.56 -2.05
CA ILE B 4 17.92 39.48 -2.25
C ILE B 4 17.86 38.53 -1.06
N LYS B 5 16.70 38.42 -0.43
CA LYS B 5 16.51 37.59 0.76
C LYS B 5 15.86 36.24 0.48
N ILE B 6 15.13 36.14 -0.62
CA ILE B 6 14.26 34.95 -0.77
C ILE B 6 13.91 34.65 -2.22
N CYS B 7 13.81 33.37 -2.60
CA CYS B 7 13.44 32.98 -3.94
C CYS B 7 12.29 31.98 -3.85
N ILE B 8 11.19 32.28 -4.54
CA ILE B 8 10.06 31.36 -4.55
C ILE B 8 10.08 30.72 -5.93
N ALA B 9 10.19 29.39 -6.00
CA ALA B 9 10.37 28.70 -7.25
C ALA B 9 9.23 27.70 -7.38
N GLY B 10 8.58 27.62 -8.53
CA GLY B 10 7.47 26.70 -8.72
C GLY B 10 6.23 27.33 -9.33
N LYS B 11 5.06 26.83 -8.92
CA LYS B 11 3.86 27.10 -9.69
C LYS B 11 2.59 26.95 -8.85
N ASN B 12 1.55 27.47 -9.50
CA ASN B 12 0.15 27.26 -9.10
C ASN B 12 -0.24 28.08 -7.86
N ASN B 13 -1.45 27.89 -7.34
CA ASN B 13 -1.95 28.71 -6.23
C ASN B 13 -0.99 28.75 -5.02
N ILE B 14 -0.39 27.59 -4.72
CA ILE B 14 0.52 27.50 -3.58
C ILE B 14 1.69 28.49 -3.71
N ALA B 15 2.31 28.52 -4.88
CA ALA B 15 3.46 29.41 -5.06
C ALA B 15 3.02 30.87 -5.04
N VAL B 16 1.91 31.13 -5.73
CA VAL B 16 1.46 32.52 -5.86
C VAL B 16 1.01 32.99 -4.47
N ASN B 17 0.22 32.19 -3.75
CA ASN B 17 -0.33 32.66 -2.46
C ASN B 17 0.74 32.85 -1.38
N SER B 18 1.74 31.96 -1.43
CA SER B 18 2.82 32.01 -0.46
C SER B 18 3.67 33.25 -0.73
N LEU B 19 3.87 33.54 -2.01
CA LEU B 19 4.60 34.73 -2.40
C LEU B 19 3.84 36.02 -2.00
N GLN B 20 2.53 36.02 -2.19
CA GLN B 20 1.72 37.15 -1.72
C GLN B 20 1.81 37.34 -0.21
N PHE B 21 1.80 36.28 0.56
CA PHE B 21 1.96 36.32 2.00
C PHE B 21 3.32 36.93 2.39
N ILE B 22 4.37 36.59 1.67
CA ILE B 22 5.66 37.14 2.06
C ILE B 22 5.76 38.62 1.69
N LEU B 23 5.29 38.97 0.49
CA LEU B 23 5.19 40.36 0.07
C LEU B 23 4.34 41.22 1.00
N LYS B 24 3.38 40.61 1.68
CA LYS B 24 2.52 41.38 2.57
C LYS B 24 3.10 41.48 3.97
N ASN B 25 3.72 40.42 4.46
CA ASN B 25 4.13 40.40 5.85
C ASN B 25 5.64 40.46 6.14
N TYR B 26 6.48 40.24 5.14
CA TYR B 26 7.88 39.90 5.41
C TYR B 26 8.95 40.60 4.58
N PHE B 27 8.76 40.76 3.28
CA PHE B 27 9.82 41.25 2.40
C PHE B 27 9.17 42.16 1.36
N GLU B 28 9.91 43.18 0.91
CA GLU B 28 9.39 44.10 -0.08
C GLU B 28 9.73 43.44 -1.40
N ALA B 29 9.10 43.91 -2.47
CA ALA B 29 9.28 43.31 -3.77
C ALA B 29 10.73 43.23 -4.19
N ASP B 30 11.54 44.24 -3.87
CA ASP B 30 12.88 44.21 -4.47
C ASP B 30 13.78 43.27 -3.67
N GLN B 31 13.28 42.64 -2.60
CA GLN B 31 14.04 41.64 -1.86
C GLN B 31 13.68 40.20 -2.26
N ILE B 32 12.84 40.05 -3.28
CA ILE B 32 12.28 38.74 -3.67
C ILE B 32 12.64 38.47 -5.12
N VAL B 33 12.92 37.21 -5.44
CA VAL B 33 12.99 36.77 -6.83
C VAL B 33 12.19 35.47 -7.00
N VAL B 34 11.85 35.14 -8.24
CA VAL B 34 11.04 33.95 -8.49
C VAL B 34 11.57 33.19 -9.70
N ILE B 35 11.36 31.88 -9.67
CA ILE B 35 11.71 31.03 -10.78
C ILE B 35 10.46 30.23 -11.12
N PRO B 36 9.76 30.63 -12.18
CA PRO B 36 8.51 29.91 -12.51
C PRO B 36 8.92 28.62 -13.19
N ASN B 37 8.00 27.69 -13.29
CA ASN B 37 8.29 26.45 -14.01
C ASN B 37 8.36 26.68 -15.51
N LYS B 38 9.01 25.75 -16.19
CA LYS B 38 9.26 25.90 -17.62
C LYS B 38 7.96 26.02 -18.42
N ASN B 39 6.90 25.34 -17.98
CA ASN B 39 5.62 25.34 -18.70
C ASN B 39 4.68 26.48 -18.28
N ASP B 40 5.15 27.40 -17.42
CA ASP B 40 4.36 28.54 -16.97
C ASP B 40 4.28 29.53 -18.14
N LYS B 41 3.11 29.61 -18.77
CA LYS B 41 2.87 30.56 -19.85
C LYS B 41 2.40 31.94 -19.39
N GLY B 42 2.26 32.16 -18.10
CA GLY B 42 1.87 33.47 -17.61
C GLY B 42 0.38 33.71 -17.74
N ILE B 43 -0.38 32.62 -17.81
CA ILE B 43 -1.84 32.69 -17.94
C ILE B 43 -2.59 32.13 -16.75
N ASP B 44 -3.47 32.94 -16.22
CA ASP B 44 -4.28 32.52 -15.09
C ASP B 44 -5.39 31.63 -15.63
N SER B 45 -5.59 30.49 -14.99
CA SER B 45 -6.62 29.57 -15.47
CA SER B 45 -6.56 29.52 -15.47
C SER B 45 -7.24 28.89 -14.28
N TRP B 46 -7.28 27.55 -14.25
CA TRP B 46 -7.77 26.84 -13.10
C TRP B 46 -6.82 26.93 -11.90
N GLN B 47 -5.59 27.35 -12.17
CA GLN B 47 -4.65 27.78 -11.15
C GLN B 47 -4.10 29.19 -11.49
N LYS B 48 -3.68 29.96 -10.49
CA LYS B 48 -2.96 31.21 -10.69
C LYS B 48 -1.57 30.92 -11.31
N SER B 49 -1.06 31.84 -12.12
CA SER B 49 0.30 31.79 -12.65
C SER B 49 1.35 32.58 -11.86
N LEU B 50 2.43 31.90 -11.52
CA LEU B 50 3.48 32.56 -10.70
C LEU B 50 4.16 33.61 -11.60
N LEU B 51 4.41 33.25 -12.86
CA LEU B 51 5.03 34.16 -13.78
C LEU B 51 4.20 35.43 -13.85
N LYS B 52 2.89 35.25 -14.04
CA LYS B 52 2.00 36.42 -14.16
C LYS B 52 1.99 37.27 -12.90
N PHE B 53 1.89 36.65 -11.74
CA PHE B 53 1.92 37.44 -10.52
C PHE B 53 3.23 38.24 -10.43
N ALA B 54 4.35 37.59 -10.72
CA ALA B 54 5.65 38.26 -10.63
C ALA B 54 5.69 39.47 -11.59
N LEU B 55 5.34 39.24 -12.85
CA LEU B 55 5.22 40.33 -13.82
C LEU B 55 4.29 41.43 -13.29
N ASP B 56 3.09 41.07 -12.89
CA ASP B 56 2.15 42.08 -12.44
C ASP B 56 2.65 42.86 -11.21
N ASN B 57 3.58 42.33 -10.42
CA ASN B 57 3.93 42.92 -9.14
C ASN B 57 5.41 43.32 -9.11
N ASN B 58 6.01 43.36 -10.30
CA ASN B 58 7.39 43.79 -10.45
CA ASN B 58 7.40 43.74 -10.51
C ASN B 58 8.37 42.99 -9.59
N ILE B 59 8.19 41.67 -9.55
CA ILE B 59 9.12 40.76 -8.88
C ILE B 59 10.00 40.15 -9.95
N LYS B 60 11.32 40.27 -9.77
CA LYS B 60 12.23 39.81 -10.82
C LYS B 60 12.22 38.29 -11.02
N ILE B 61 12.16 37.91 -12.30
CA ILE B 61 12.29 36.56 -12.80
C ILE B 61 13.78 36.23 -13.01
N VAL B 62 14.23 35.20 -12.29
CA VAL B 62 15.59 34.68 -12.41
C VAL B 62 15.67 33.19 -12.74
N THR B 63 16.90 32.77 -12.96
CA THR B 63 17.29 31.38 -13.07
C THR B 63 18.05 30.93 -11.82
N LEU B 64 18.12 29.62 -11.63
CA LEU B 64 18.96 29.02 -10.60
C LEU B 64 20.40 29.54 -10.62
N ASP B 65 20.97 29.62 -11.81
CA ASP B 65 22.36 30.05 -11.91
CA ASP B 65 22.33 30.14 -12.04
C ASP B 65 22.52 31.47 -11.32
N GLU B 66 21.49 32.30 -11.40
CA GLU B 66 21.57 33.64 -10.86
C GLU B 66 21.45 33.69 -9.37
N ILE B 67 21.01 32.63 -8.68
CA ILE B 67 20.87 32.75 -7.25
C ILE B 67 21.89 31.90 -6.52
N TYR B 68 22.64 31.09 -7.23
CA TYR B 68 23.58 30.20 -6.52
C TYR B 68 24.57 30.91 -5.58
N ASN B 69 24.95 32.13 -5.94
CA ASN B 69 26.00 32.78 -5.16
C ASN B 69 25.48 33.80 -4.17
N ILE B 70 24.17 33.85 -4.02
CA ILE B 70 23.60 34.77 -3.07
C ILE B 70 23.66 34.15 -1.70
N GLU B 71 24.57 34.69 -0.90
CA GLU B 71 24.77 34.15 0.42
C GLU B 71 23.49 34.38 1.18
N GLN B 72 23.13 33.33 1.88
CA GLN B 72 22.08 33.34 2.89
C GLN B 72 20.69 33.45 2.30
N ILE B 73 20.57 33.40 0.98
CA ILE B 73 19.24 33.41 0.41
C ILE B 73 18.37 32.23 0.94
N ILE B 74 17.08 32.50 1.12
CA ILE B 74 16.11 31.47 1.46
C ILE B 74 15.53 31.00 0.13
N PHE B 75 15.61 29.71 -0.14
CA PHE B 75 15.08 29.17 -1.41
C PHE B 75 13.92 28.23 -1.11
N PHE B 76 12.74 28.50 -1.68
CA PHE B 76 11.60 27.65 -1.47
C PHE B 76 11.09 27.10 -2.79
N SER B 77 10.97 25.78 -2.89
CA SER B 77 10.37 25.07 -3.98
C SER B 77 8.94 24.78 -3.55
N LEU B 78 8.00 25.23 -4.37
CA LEU B 78 6.56 25.01 -4.18
C LEU B 78 6.08 24.51 -5.52
N GLU B 79 6.14 23.20 -5.76
CA GLU B 79 5.80 22.58 -7.02
C GLU B 79 6.78 22.92 -8.15
N PHE B 80 8.04 23.14 -7.77
CA PHE B 80 9.08 23.42 -8.72
C PHE B 80 9.47 22.19 -9.54
N ASP B 81 9.87 22.43 -10.79
CA ASP B 81 10.10 21.39 -11.76
C ASP B 81 11.59 21.07 -12.02
N GLN B 82 12.48 21.50 -11.13
CA GLN B 82 13.89 21.15 -11.33
C GLN B 82 14.47 20.46 -10.11
N ILE B 83 15.35 19.48 -10.33
CA ILE B 83 16.02 18.83 -9.19
C ILE B 83 17.26 19.64 -8.83
N ILE B 84 17.41 20.07 -7.59
CA ILE B 84 18.57 20.91 -7.38
C ILE B 84 19.72 20.02 -6.88
N LYS B 85 20.90 20.62 -6.93
CA LYS B 85 22.16 20.01 -6.44
C LYS B 85 22.71 21.01 -5.43
N ILE B 86 22.77 20.61 -4.17
CA ILE B 86 22.89 21.54 -3.08
C ILE B 86 24.31 22.17 -3.14
N GLU B 87 25.24 21.43 -3.74
CA GLU B 87 26.62 21.99 -3.77
C GLU B 87 26.75 23.15 -4.74
N ASN B 88 25.78 23.33 -5.67
CA ASN B 88 25.76 24.56 -6.44
C ASN B 88 25.56 25.82 -5.63
N PHE B 89 24.96 25.71 -4.46
CA PHE B 89 24.46 26.87 -3.72
C PHE B 89 25.46 27.22 -2.62
N LYS B 90 25.72 28.52 -2.42
CA LYS B 90 26.34 28.99 -1.20
C LYS B 90 25.46 28.84 0.02
N SER B 91 24.17 29.15 -0.11
CA SER B 91 23.19 29.06 0.97
C SER B 91 22.87 27.59 1.26
N ASP B 92 22.65 27.28 2.52
CA ASP B 92 22.10 25.98 2.93
C ASP B 92 20.63 26.12 3.39
N ARG B 93 19.99 27.22 3.05
CA ARG B 93 18.63 27.48 3.49
C ARG B 93 17.66 27.10 2.35
N LEU B 94 17.56 25.81 2.05
CA LEU B 94 16.89 25.34 0.83
C LEU B 94 15.72 24.43 1.23
N PHE B 95 14.49 24.76 0.77
CA PHE B 95 13.28 24.14 1.32
C PHE B 95 12.31 23.75 0.22
N ASN B 96 11.50 22.74 0.50
CA ASN B 96 10.51 22.22 -0.45
C ASN B 96 9.29 21.89 0.39
N ILE B 97 8.09 22.15 -0.15
CA ILE B 97 6.87 21.55 0.40
C ILE B 97 6.38 20.51 -0.61
N HIS B 98 6.42 19.29 -0.11
CA HIS B 98 6.14 18.11 -0.89
C HIS B 98 4.68 17.70 -0.53
N PHE B 99 3.93 17.40 -1.57
CA PHE B 99 2.52 16.99 -1.37
C PHE B 99 2.35 15.51 -1.05
N SER B 100 2.84 15.04 0.09
CA SER B 100 2.52 13.72 0.60
C SER B 100 2.88 13.73 2.10
N ALA B 101 2.50 12.68 2.83
CA ALA B 101 2.90 12.51 4.23
C ALA B 101 4.21 11.72 4.19
N LEU B 102 5.29 12.43 3.92
CA LEU B 102 6.59 11.74 3.94
C LEU B 102 6.77 10.95 5.24
N PRO B 103 7.44 9.78 5.20
CA PRO B 103 8.31 9.36 4.12
C PRO B 103 7.59 8.65 3.00
N LYS B 104 6.25 8.47 3.09
CA LYS B 104 5.57 7.86 1.96
C LYS B 104 5.44 8.76 0.73
N TYR B 105 5.28 8.13 -0.41
CA TYR B 105 4.96 8.79 -1.67
C TYR B 105 5.81 9.99 -1.96
N LYS B 106 7.12 9.75 -1.83
CA LYS B 106 8.09 10.57 -2.54
C LYS B 106 7.84 10.53 -4.05
N GLY B 107 8.31 11.54 -4.77
CA GLY B 107 8.25 11.55 -6.22
C GLY B 107 6.94 12.16 -6.72
N VAL B 108 6.45 11.62 -7.82
CA VAL B 108 5.44 12.32 -8.61
C VAL B 108 4.02 11.79 -8.44
N PHE B 109 3.11 12.62 -8.94
CA PHE B 109 1.70 12.27 -9.15
C PHE B 109 1.15 11.83 -7.82
N THR B 110 1.41 12.62 -6.79
CA THR B 110 0.99 12.26 -5.44
C THR B 110 -0.51 12.55 -5.15
N SER B 111 -1.20 13.14 -6.12
CA SER B 111 -2.69 13.13 -6.15
C SER B 111 -3.26 11.77 -6.54
N ILE B 112 -2.46 10.97 -7.25
CA ILE B 112 -2.83 9.64 -7.80
C ILE B 112 -2.38 8.50 -6.89
N THR B 113 -1.07 8.48 -6.58
CA THR B 113 -0.46 7.37 -5.86
C THR B 113 -1.05 6.96 -4.53
N PRO B 114 -1.40 7.92 -3.62
CA PRO B 114 -1.92 7.40 -2.36
C PRO B 114 -3.33 6.77 -2.55
N ILE B 115 -4.11 7.37 -3.44
CA ILE B 115 -5.44 6.81 -3.78
C ILE B 115 -5.38 5.43 -4.39
N LEU B 116 -4.54 5.30 -5.42
CA LEU B 116 -4.29 4.01 -6.06
C LEU B 116 -3.76 2.93 -5.10
N ASN B 117 -3.06 3.36 -4.03
CA ASN B 117 -2.53 2.44 -3.02
C ASN B 117 -3.38 2.37 -1.76
N ASN B 118 -4.66 2.71 -1.90
CA ASN B 118 -5.67 2.46 -0.86
C ASN B 118 -5.53 3.22 0.43
N GLU B 119 -4.89 4.39 0.37
CA GLU B 119 -4.72 5.18 1.58
C GLU B 119 -6.01 5.90 1.95
N LEU B 120 -6.21 6.10 3.25
CA LEU B 120 -7.31 6.87 3.78
C LEU B 120 -6.95 8.29 4.13
N GLU B 121 -5.65 8.59 4.16
CA GLU B 121 -5.18 9.91 4.47
C GLU B 121 -3.93 10.19 3.64
N SER B 122 -3.64 11.49 3.58
CA SER B 122 -2.41 12.00 3.01
C SER B 122 -1.89 13.15 3.86
N GLY B 123 -1.03 13.98 3.26
CA GLY B 123 -0.38 15.07 3.99
C GLY B 123 0.45 15.96 3.09
N VAL B 124 0.85 17.11 3.62
CA VAL B 124 1.89 17.96 3.01
C VAL B 124 3.01 18.01 4.06
N THR B 125 4.24 18.09 3.54
CA THR B 125 5.48 17.98 4.32
C THR B 125 6.46 19.05 3.86
N LEU B 126 6.79 19.94 4.81
CA LEU B 126 7.84 20.93 4.70
C LEU B 126 9.18 20.27 5.12
N HIS B 127 10.16 20.27 4.23
CA HIS B 127 11.44 19.61 4.46
C HIS B 127 12.62 20.41 3.86
N ARG B 128 13.82 20.16 4.37
CA ARG B 128 15.01 20.71 3.76
C ARG B 128 15.25 19.88 2.52
N ILE B 129 15.75 20.53 1.48
CA ILE B 129 16.19 19.89 0.27
C ILE B 129 17.62 19.34 0.50
N ASP B 130 17.75 18.03 0.36
CA ASP B 130 19.06 17.41 0.06
C ASP B 130 19.18 16.92 -1.37
N ASN B 131 20.25 16.21 -1.73
CA ASN B 131 20.42 15.88 -3.13
C ASN B 131 19.49 14.80 -3.66
N GLY B 132 18.81 14.14 -2.75
CA GLY B 132 17.88 13.10 -3.13
C GLY B 132 16.46 13.64 -3.34
N ILE B 133 15.62 12.84 -3.99
CA ILE B 133 14.28 13.34 -4.33
C ILE B 133 13.31 13.19 -3.15
N ASP B 134 12.94 14.30 -2.55
CA ASP B 134 12.01 14.37 -1.39
C ASP B 134 12.48 13.63 -0.15
N THR B 135 13.81 13.63 0.02
CA THR B 135 14.52 12.79 0.98
C THR B 135 15.01 13.50 2.23
N GLY B 136 15.13 14.80 2.11
CA GLY B 136 15.54 15.68 3.18
C GLY B 136 14.78 15.66 4.48
N ASN B 137 15.47 16.23 5.44
CA ASN B 137 14.94 16.28 6.78
C ASN B 137 13.62 17.04 6.90
N ILE B 138 12.66 16.40 7.56
CA ILE B 138 11.34 17.00 7.80
C ILE B 138 11.34 18.02 8.93
N ILE B 139 10.77 19.17 8.60
CA ILE B 139 10.58 20.33 9.46
C ILE B 139 9.17 20.37 9.99
N ASP B 140 8.16 20.18 9.14
CA ASP B 140 6.80 20.12 9.64
C ASP B 140 5.97 19.26 8.69
N GLN B 141 4.87 18.72 9.18
CA GLN B 141 4.00 17.91 8.32
C GLN B 141 2.59 18.17 8.82
N HIS B 142 1.60 18.21 7.92
CA HIS B 142 0.20 18.22 8.33
C HIS B 142 -0.55 17.14 7.54
N CYS B 143 -1.10 16.20 8.25
CA CYS B 143 -1.93 15.11 7.65
C CYS B 143 -3.42 15.43 7.63
N PHE B 144 -4.13 14.91 6.63
CA PHE B 144 -5.56 15.20 6.47
C PHE B 144 -6.21 14.01 5.75
N PRO B 145 -7.54 13.89 5.82
CA PRO B 145 -8.15 12.68 5.23
C PRO B 145 -8.27 12.68 3.71
N ILE B 146 -8.22 11.49 3.12
CA ILE B 146 -8.68 11.32 1.75
C ILE B 146 -10.11 10.77 1.88
N ASP B 147 -11.13 11.62 1.71
CA ASP B 147 -12.48 11.16 1.92
C ASP B 147 -12.79 10.07 0.93
N ILE B 148 -13.74 9.20 1.28
CA ILE B 148 -13.90 8.00 0.51
C ILE B 148 -14.19 8.25 -0.97
N ASN B 149 -14.90 9.33 -1.32
CA ASN B 149 -15.25 9.58 -2.71
C ASN B 149 -14.45 10.72 -3.31
N ASP B 150 -13.38 11.12 -2.62
CA ASP B 150 -12.52 12.15 -3.16
C ASP B 150 -11.86 11.60 -4.41
N THR B 151 -11.65 12.48 -5.38
CA THR B 151 -10.98 12.16 -6.64
C THR B 151 -9.54 12.69 -6.48
N ALA B 152 -8.65 12.35 -7.42
CA ALA B 152 -7.27 12.94 -7.45
C ALA B 152 -7.30 14.49 -7.43
N ARG B 153 -8.24 15.04 -8.17
CA ARG B 153 -8.40 16.50 -8.27
C ARG B 153 -8.76 17.07 -6.92
N ASP B 154 -9.72 16.47 -6.23
CA ASP B 154 -10.08 16.85 -4.85
C ASP B 154 -8.86 16.80 -3.92
N LEU B 155 -8.09 15.74 -4.00
CA LEU B 155 -6.90 15.59 -3.14
C LEU B 155 -5.86 16.69 -3.50
N TYR B 156 -5.68 16.95 -4.79
CA TYR B 156 -4.75 18.00 -5.22
C TYR B 156 -5.11 19.36 -4.60
N PHE B 157 -6.40 19.70 -4.64
CA PHE B 157 -6.84 20.95 -4.04
C PHE B 157 -6.66 21.04 -2.52
N ASN B 158 -6.83 19.93 -1.81
CA ASN B 158 -6.42 19.84 -0.43
C ASN B 158 -4.90 20.05 -0.25
N TYR B 159 -4.07 19.50 -1.13
CA TYR B 159 -2.63 19.76 -1.06
C TYR B 159 -2.36 21.24 -1.12
N LEU B 160 -2.99 21.90 -2.09
CA LEU B 160 -2.77 23.32 -2.29
C LEU B 160 -3.12 24.11 -1.03
N LYS B 161 -4.25 23.78 -0.44
CA LYS B 161 -4.79 24.49 0.72
C LYS B 161 -3.89 24.25 1.92
N TYR B 162 -3.57 22.99 2.21
CA TYR B 162 -2.79 22.67 3.39
C TYR B 162 -1.29 22.99 3.23
N GLY B 163 -0.85 23.00 1.99
CA GLY B 163 0.53 23.40 1.72
C GLY B 163 0.79 24.89 1.91
N GLU B 164 -0.11 25.68 1.36
CA GLU B 164 -0.16 27.11 1.63
C GLU B 164 -0.15 27.34 3.14
N SER B 165 -0.98 26.63 3.89
CA SER B 165 -1.08 26.85 5.31
C SER B 165 0.20 26.47 6.06
N ILE B 166 0.81 25.34 5.71
CA ILE B 166 2.05 24.93 6.36
C ILE B 166 3.18 25.91 6.03
N PHE B 167 3.20 26.50 4.84
CA PHE B 167 4.17 27.55 4.51
C PHE B 167 3.99 28.71 5.53
N LYS B 168 2.75 29.14 5.72
CA LYS B 168 2.50 30.29 6.58
C LYS B 168 2.88 30.02 8.03
N LYS B 169 2.66 28.79 8.48
CA LYS B 169 2.94 28.34 9.82
C LYS B 169 4.43 28.35 10.11
N ASN B 170 5.23 28.10 9.09
CA ASN B 170 6.64 27.86 9.35
C ASN B 170 7.63 28.92 8.90
N ILE B 171 7.12 29.91 8.19
CA ILE B 171 7.99 30.79 7.43
C ILE B 171 8.76 31.70 8.43
N GLN B 172 8.11 32.16 9.48
CA GLN B 172 8.84 32.94 10.50
C GLN B 172 10.09 32.22 11.00
N THR B 173 9.97 30.97 11.41
CA THR B 173 11.14 30.24 11.93
C THR B 173 12.17 29.90 10.88
N ILE B 174 11.74 29.90 9.63
CA ILE B 174 12.70 29.74 8.56
C ILE B 174 13.49 31.00 8.36
N ILE B 175 12.79 32.13 8.35
CA ILE B 175 13.49 33.40 8.18
C ILE B 175 14.46 33.70 9.33
N ASN B 176 14.10 33.33 10.56
CA ASN B 176 15.00 33.64 11.66
CA ASN B 176 14.89 33.56 11.76
C ASN B 176 15.91 32.45 11.97
N ASN B 177 15.87 31.46 11.07
CA ASN B 177 16.70 30.28 11.11
C ASN B 177 16.69 29.52 12.44
N SER B 178 15.50 29.47 13.04
CA SER B 178 15.31 28.82 14.32
C SER B 178 14.56 27.50 14.21
N TYR B 179 14.39 27.00 12.98
CA TYR B 179 13.55 25.83 12.76
C TYR B 179 14.26 24.57 13.23
N LYS B 180 13.49 23.52 13.54
CA LYS B 180 14.03 22.22 13.93
C LYS B 180 13.63 21.22 12.85
N ASP B 181 14.40 20.16 12.66
CA ASP B 181 13.97 19.09 11.75
C ASP B 181 14.39 17.72 12.27
N LEU B 182 13.88 16.68 11.60
CA LEU B 182 14.21 15.29 11.91
CA LEU B 182 14.23 15.30 11.92
C LEU B 182 14.45 14.54 10.62
N LYS B 183 15.49 13.71 10.60
CA LYS B 183 15.78 12.82 9.48
C LYS B 183 14.58 11.94 9.21
N GLN B 184 14.30 11.71 7.93
CA GLN B 184 13.29 10.73 7.54
C GLN B 184 13.79 9.31 7.86
N THR B 185 12.88 8.46 8.32
CA THR B 185 13.18 7.05 8.51
CA THR B 185 13.12 7.03 8.52
C THR B 185 13.27 6.32 7.17
N ASN B 186 13.92 5.15 7.19
CA ASN B 186 13.99 4.29 6.03
C ASN B 186 12.69 3.52 5.91
N ILE B 187 12.08 3.25 7.06
CA ILE B 187 10.86 2.41 7.10
C ILE B 187 9.73 3.28 6.61
N ASN B 188 8.83 2.66 5.82
CA ASN B 188 7.67 3.32 5.24
C ASN B 188 7.94 4.23 4.06
N SER B 189 9.20 4.35 3.69
CA SER B 189 9.60 5.26 2.63
C SER B 189 9.21 4.60 1.29
N SER B 190 8.49 5.32 0.44
CA SER B 190 8.06 4.81 -0.86
C SER B 190 8.22 5.96 -1.84
N TYR B 191 8.27 5.64 -3.14
CA TYR B 191 8.58 6.60 -4.18
C TYR B 191 7.98 6.10 -5.46
N PHE B 192 7.45 7.01 -6.28
CA PHE B 192 6.99 6.76 -7.65
C PHE B 192 7.63 7.73 -8.64
N SER B 193 8.15 7.22 -9.74
CA SER B 193 8.55 8.04 -10.87
C SER B 193 7.49 7.99 -11.98
N ARG B 194 7.56 8.92 -12.94
CA ARG B 194 6.56 9.04 -14.01
CA ARG B 194 6.51 9.03 -13.95
C ARG B 194 6.40 7.71 -14.74
N LYS B 195 7.51 6.99 -14.88
CA LYS B 195 7.49 5.70 -15.56
C LYS B 195 6.59 4.66 -14.89
N ASP B 196 6.37 4.80 -13.59
CA ASP B 196 5.57 3.84 -12.85
C ASP B 196 4.07 4.11 -12.91
N ILE B 197 3.63 5.17 -13.57
CA ILE B 197 2.18 5.44 -13.61
C ILE B 197 1.77 5.49 -15.07
N ASN B 198 0.81 4.67 -15.46
CA ASN B 198 0.21 4.79 -16.77
C ASN B 198 -1.07 5.60 -16.58
N LEU B 199 -1.11 6.79 -17.14
CA LEU B 199 -2.24 7.69 -16.96
C LEU B 199 -3.48 7.28 -17.73
N VAL B 200 -3.35 6.26 -18.58
CA VAL B 200 -4.47 5.60 -19.18
C VAL B 200 -4.59 4.28 -18.45
N HIS B 201 -5.35 4.32 -17.37
CA HIS B 201 -5.34 3.19 -16.46
C HIS B 201 -6.30 2.15 -16.95
N LYS B 202 -5.85 0.90 -17.03
CA LYS B 202 -6.77 -0.18 -17.34
C LYS B 202 -7.25 -0.85 -16.06
N ILE B 203 -8.54 -0.76 -15.77
CA ILE B 203 -9.10 -1.18 -14.47
C ILE B 203 -9.06 -2.70 -14.33
N ASN B 204 -8.62 -3.16 -13.16
CA ASN B 204 -8.62 -4.56 -12.80
C ASN B 204 -9.86 -4.73 -11.93
N PHE B 205 -10.84 -5.41 -12.51
CA PHE B 205 -12.12 -5.66 -11.88
C PHE B 205 -12.10 -6.88 -10.95
N LYS B 206 -11.10 -7.74 -11.11
CA LYS B 206 -10.98 -8.84 -10.17
C LYS B 206 -10.30 -8.41 -8.84
N LYS B 207 -11.00 -7.55 -8.15
CA LYS B 207 -10.56 -6.74 -7.05
C LYS B 207 -11.79 -6.45 -6.19
N THR B 208 -11.53 -5.97 -4.98
CA THR B 208 -12.63 -5.54 -4.12
C THR B 208 -13.32 -4.28 -4.65
N SER B 209 -14.58 -4.02 -4.25
CA SER B 209 -15.16 -2.74 -4.53
C SER B 209 -14.29 -1.50 -4.20
N PHE B 210 -13.73 -1.46 -2.99
CA PHE B 210 -12.80 -0.42 -2.56
C PHE B 210 -11.68 -0.22 -3.57
N GLU B 211 -11.06 -1.31 -4.00
CA GLU B 211 -9.98 -1.25 -4.98
C GLU B 211 -10.42 -0.78 -6.37
N ILE B 212 -11.58 -1.25 -6.83
CA ILE B 212 -12.09 -0.80 -8.11
C ILE B 212 -12.38 0.69 -8.06
N HIS B 213 -13.10 1.13 -7.02
CA HIS B 213 -13.45 2.54 -6.79
C HIS B 213 -12.15 3.36 -6.78
N ASN B 214 -11.18 2.87 -6.04
CA ASN B 214 -9.91 3.60 -5.92
C ASN B 214 -9.22 3.75 -7.26
N GLN B 215 -9.24 2.71 -8.07
CA GLN B 215 -8.63 2.74 -9.38
C GLN B 215 -9.28 3.75 -10.29
N ILE B 216 -10.59 3.90 -10.17
CA ILE B 216 -11.33 4.91 -10.94
C ILE B 216 -10.99 6.31 -10.44
N ARG B 217 -11.13 6.58 -9.15
CA ARG B 217 -11.12 7.97 -8.71
C ARG B 217 -9.70 8.56 -8.66
N ALA B 218 -8.72 7.66 -8.56
CA ALA B 218 -7.32 8.13 -8.61
C ALA B 218 -6.97 8.81 -9.92
N PHE B 219 -7.72 8.53 -10.98
CA PHE B 219 -7.45 9.07 -12.31
C PHE B 219 -8.41 10.18 -12.75
N ILE B 220 -9.37 10.53 -11.89
CA ILE B 220 -10.31 11.61 -12.13
C ILE B 220 -9.64 12.96 -11.84
N PHE B 221 -9.23 13.66 -12.88
CA PHE B 221 -8.63 15.00 -12.74
C PHE B 221 -8.79 15.65 -14.11
N GLN B 222 -9.98 16.20 -14.29
CA GLN B 222 -10.52 16.47 -15.62
C GLN B 222 -9.63 17.36 -16.47
N GLU B 223 -8.88 18.31 -15.89
CA GLU B 223 -7.97 19.12 -16.68
C GLU B 223 -6.90 18.35 -17.38
N TYR B 224 -6.56 17.15 -16.93
CA TYR B 224 -5.63 16.23 -17.56
C TYR B 224 -6.27 15.04 -18.26
N GLN B 225 -7.05 14.27 -17.50
CA GLN B 225 -7.74 13.12 -18.03
C GLN B 225 -8.84 12.66 -17.08
N LEU B 226 -9.67 11.79 -17.66
CA LEU B 226 -10.71 11.04 -16.91
C LEU B 226 -10.57 9.57 -17.33
N PRO B 227 -10.81 8.64 -16.40
CA PRO B 227 -10.82 7.20 -16.66
C PRO B 227 -11.99 6.89 -17.58
N ILE B 228 -11.79 5.87 -18.40
CA ILE B 228 -12.80 5.43 -19.34
C ILE B 228 -13.21 4.00 -19.01
N ILE B 229 -14.51 3.77 -18.89
CA ILE B 229 -15.09 2.43 -18.79
C ILE B 229 -16.08 2.26 -19.94
N ASN B 230 -16.04 1.13 -20.67
CA ASN B 230 -16.82 0.87 -21.84
C ASN B 230 -17.00 2.12 -22.74
N ASN B 231 -15.87 2.70 -23.12
CA ASN B 231 -15.86 3.85 -24.01
C ASN B 231 -16.64 5.05 -23.49
N SER B 232 -16.70 5.24 -22.17
CA SER B 232 -17.39 6.37 -21.55
C SER B 232 -16.49 6.98 -20.48
N LYS B 233 -16.27 8.29 -20.56
CA LYS B 233 -15.51 9.00 -19.52
C LYS B 233 -16.29 9.05 -18.23
N ILE B 234 -15.58 8.87 -17.13
CA ILE B 234 -16.14 8.86 -15.80
C ILE B 234 -15.68 10.10 -15.05
N ILE B 235 -16.66 10.81 -14.47
CA ILE B 235 -16.45 12.06 -13.71
C ILE B 235 -16.50 11.87 -12.21
N LYS B 236 -17.12 10.80 -11.71
CA LYS B 236 -17.20 10.59 -10.31
C LYS B 236 -17.47 9.10 -9.99
N SER B 237 -16.88 8.63 -8.91
CA SER B 237 -17.15 7.30 -8.37
C SER B 237 -17.66 7.45 -6.95
N ILE B 238 -18.72 6.72 -6.62
CA ILE B 238 -19.29 6.77 -5.31
C ILE B 238 -19.30 5.36 -4.77
N LEU B 239 -18.64 5.17 -3.63
CA LEU B 239 -18.61 3.87 -2.94
C LEU B 239 -19.53 3.79 -1.74
N ALA B 240 -20.38 2.76 -1.74
CA ALA B 240 -21.33 2.57 -0.62
C ALA B 240 -21.09 1.26 0.10
N ASN B 241 -21.50 1.22 1.36
CA ASN B 241 -21.58 -0.01 2.18
C ASN B 241 -22.59 -1.08 1.76
N GLU B 242 -23.43 -0.76 0.81
CA GLU B 242 -24.55 -1.62 0.43
C GLU B 242 -24.03 -2.82 -0.33
N PHE B 243 -24.40 -4.02 0.12
CA PHE B 243 -24.10 -5.23 -0.62
C PHE B 243 -25.08 -5.45 -1.74
N ILE B 244 -24.60 -5.67 -2.95
CA ILE B 244 -25.50 -5.87 -4.07
C ILE B 244 -25.17 -7.15 -4.81
N GLY B 245 -24.37 -8.03 -4.18
CA GLY B 245 -23.90 -9.17 -4.91
C GLY B 245 -22.48 -9.02 -5.45
N TYR B 246 -21.83 -10.14 -5.72
CA TYR B 246 -20.41 -10.15 -6.18
C TYR B 246 -20.27 -9.86 -7.65
N ASN B 247 -19.29 -9.02 -7.98
CA ASN B 247 -18.83 -8.93 -9.34
C ASN B 247 -19.93 -8.45 -10.30
N VAL B 248 -20.69 -7.45 -9.87
CA VAL B 248 -21.74 -6.83 -10.69
C VAL B 248 -21.08 -5.85 -11.66
N PHE B 249 -21.60 -5.77 -12.89
CA PHE B 249 -21.19 -4.74 -13.85
C PHE B 249 -22.34 -4.51 -14.81
N GLU B 250 -22.97 -3.33 -14.70
CA GLU B 250 -24.13 -3.03 -15.53
C GLU B 250 -24.00 -1.59 -16.04
N GLU B 251 -24.06 -1.40 -17.36
CA GLU B 251 -23.97 -0.06 -17.96
C GLU B 251 -25.39 0.53 -18.11
N PHE B 252 -25.55 1.78 -17.71
CA PHE B 252 -26.81 2.53 -17.90
C PHE B 252 -26.46 3.79 -18.70
N GLU B 253 -27.49 4.53 -19.12
CA GLU B 253 -27.19 5.67 -19.95
C GLU B 253 -26.32 6.68 -19.19
N ASN B 254 -26.59 6.90 -17.90
CA ASN B 254 -25.84 7.94 -17.16
C ASN B 254 -24.73 7.48 -16.17
N TYR B 255 -24.56 6.18 -15.97
CA TYR B 255 -23.71 5.66 -14.92
C TYR B 255 -23.57 4.16 -15.16
N PHE B 256 -22.53 3.59 -14.55
CA PHE B 256 -22.37 2.16 -14.29
C PHE B 256 -22.65 1.84 -12.83
N ILE B 257 -23.23 0.66 -12.60
CA ILE B 257 -23.28 0.04 -11.30
C ILE B 257 -22.29 -1.13 -11.34
N ILE B 258 -21.40 -1.12 -10.37
CA ILE B 258 -20.28 -2.05 -10.27
C ILE B 258 -20.15 -2.54 -8.84
N SER B 259 -19.81 -3.83 -8.69
CA SER B 259 -19.20 -4.30 -7.45
C SER B 259 -18.06 -5.25 -7.79
N GLY B 260 -17.12 -5.34 -6.86
CA GLY B 260 -16.03 -6.28 -6.96
C GLY B 260 -16.26 -7.55 -6.19
N ILE B 261 -15.17 -8.24 -5.88
CA ILE B 261 -15.21 -9.55 -5.25
C ILE B 261 -15.90 -9.64 -3.91
N ASP B 262 -16.05 -8.52 -3.21
CA ASP B 262 -16.69 -8.42 -1.91
C ASP B 262 -18.12 -7.83 -2.04
N GLY B 263 -18.52 -7.45 -3.24
CA GLY B 263 -19.96 -7.12 -3.54
C GLY B 263 -20.50 -5.78 -3.09
N PHE B 264 -19.67 -4.80 -2.74
CA PHE B 264 -20.16 -3.48 -2.36
C PHE B 264 -20.40 -2.57 -3.58
N LYS B 265 -21.52 -1.83 -3.49
CA LYS B 265 -21.98 -0.99 -4.57
C LYS B 265 -21.11 0.25 -4.85
N ILE B 266 -20.73 0.34 -6.13
CA ILE B 266 -20.12 1.52 -6.74
C ILE B 266 -21.07 2.07 -7.78
N ILE B 267 -21.22 3.41 -7.73
CA ILE B 267 -21.79 4.10 -8.87
C ILE B 267 -20.70 4.89 -9.56
N ALA B 268 -20.46 4.57 -10.81
CA ALA B 268 -19.50 5.31 -11.58
C ALA B 268 -20.25 6.21 -12.56
N GLN B 269 -20.16 7.52 -12.33
CA GLN B 269 -21.00 8.48 -13.03
CA GLN B 269 -21.01 8.50 -13.02
C GLN B 269 -20.36 8.91 -14.33
N LYS B 270 -21.13 8.84 -15.40
CA LYS B 270 -20.66 9.34 -16.67
C LYS B 270 -20.75 10.87 -16.77
N LEU B 271 -19.79 11.40 -17.49
CA LEU B 271 -19.59 12.81 -17.67
C LEU B 271 -20.82 13.28 -18.41
N ASN B 272 -21.05 12.64 -19.55
CA ASN B 272 -22.19 12.94 -20.41
C ASN B 272 -23.52 13.06 -19.68
#